data_5KUB
#
_entry.id   5KUB
#
_cell.length_a   38.450
_cell.length_b   93.603
_cell.length_c   47.991
_cell.angle_alpha   90.000
_cell.angle_beta   112.540
_cell.angle_gamma   90.000
#
_symmetry.space_group_name_H-M   'P 1 21 1'
#
loop_
_entity.id
_entity.type
_entity.pdbx_description
1 polymer 'DNA-7-methylguanine glycosylase'
2 polymer "DNA (5'-D(*CP*CP*CP*GP*AP*(NRI)P*AP*GP*TP*CP*CP*G)-3')"
3 polymer "DNA (5'-D(*CP*GP*GP*AP*CP*TP*CP*TP*CP*GP*GP*G)-3')"
4 non-polymer 2-amino-7-methyl-1,7-dihydro-6H-purin-6-one
5 water water
#
loop_
_entity_poly.entity_id
_entity_poly.type
_entity_poly.pdbx_seq_one_letter_code
_entity_poly.pdbx_strand_id
1 'polypeptide(L)'
;GPVPMHPFVKALQEHFTAHQNPEKAEPMARYMKNHFLFLGIQTPERRQLLKDIIQIHTLPDQKDFQIIIRELWDLPEREF
QAAALDIMQKYKKHINETHIPFLEELIVTKSWWDSVDSIVPTFLGDIFLKHPELISAYIPKWIASDNIWLQRAAILFQLK
YKQKMDEELLFWIIGQLHSSKEFFIQKAIGWVLREYAKTNPDVVWEYVQNNELAPLSKREAIKHIKQNYGINNEKIGETL
S
;
A
2 'polydeoxyribonucleotide' (DC)(DC)(DC)(DG)(DA)(NRI)(DA)(DG)(DT)(DC)(DC)(DG) B
3 'polydeoxyribonucleotide' (DC)(DG)(DG)(DA)(DC)(DT)(DC)(DT)(DC)(DG)(DG)(DG) C
#
loop_
_chem_comp.id
_chem_comp.type
_chem_comp.name
_chem_comp.formula
DA DNA linking 2'-DEOXYADENOSINE-5'-MONOPHOSPHATE 'C10 H14 N5 O6 P'
DC DNA linking 2'-DEOXYCYTIDINE-5'-MONOPHOSPHATE 'C9 H14 N3 O7 P'
DG DNA linking 2'-DEOXYGUANOSINE-5'-MONOPHOSPHATE 'C10 H14 N5 O7 P'
DT DNA linking THYMIDINE-5'-MONOPHOSPHATE 'C10 H15 N2 O8 P'
MY6 non-polymer 2-amino-7-methyl-1,7-dihydro-6H-purin-6-one 'C6 H7 N5 O'
NRI DNA linking 'PHOSPHORIC ACID MONO-(4-HYDROXY-PYRROLIDIN-3-YLMETHYL) ESTER' 'C5 H12 N O5 P'
#
# COMPACT_ATOMS: atom_id res chain seq x y z
N VAL A 3 1.60 -30.68 -5.99
CA VAL A 3 2.84 -30.20 -5.40
C VAL A 3 2.56 -29.51 -4.07
N PRO A 4 3.22 -29.95 -3.00
CA PRO A 4 2.93 -29.35 -1.69
C PRO A 4 3.30 -27.87 -1.61
N MET A 5 2.69 -27.23 -0.62
CA MET A 5 3.09 -25.91 -0.16
C MET A 5 4.60 -25.87 0.08
N HIS A 6 5.22 -24.73 -0.21
CA HIS A 6 6.65 -24.57 0.08
C HIS A 6 6.88 -24.79 1.57
N PRO A 7 7.93 -25.54 1.97
CA PRO A 7 8.10 -25.85 3.41
C PRO A 7 8.27 -24.65 4.29
N PHE A 8 8.84 -23.56 3.76
CA PHE A 8 8.94 -22.35 4.55
C PHE A 8 7.55 -21.82 4.90
N VAL A 9 6.65 -21.83 3.93
CA VAL A 9 5.29 -21.36 4.18
C VAL A 9 4.57 -22.30 5.14
N LYS A 10 4.70 -23.61 4.92
CA LYS A 10 4.09 -24.57 5.85
C LYS A 10 4.59 -24.34 7.27
N ALA A 11 5.89 -24.07 7.43
CA ALA A 11 6.46 -23.84 8.76
C ALA A 11 5.92 -22.56 9.36
N LEU A 12 5.81 -21.52 8.55
CA LEU A 12 5.26 -20.27 9.03
C LEU A 12 3.81 -20.44 9.44
N GLN A 13 3.03 -21.17 8.63
CA GLN A 13 1.63 -21.42 8.94
C GLN A 13 1.48 -22.16 10.26
N GLU A 14 2.31 -23.18 10.47
CA GLU A 14 2.25 -23.94 11.71
C GLU A 14 2.56 -23.06 12.91
N HIS A 15 3.60 -22.23 12.80
CA HIS A 15 4.08 -21.46 13.93
C HIS A 15 3.12 -20.32 14.27
N PHE A 16 2.61 -19.62 13.25
CA PHE A 16 1.59 -18.60 13.49
C PHE A 16 0.36 -19.22 14.14
N THR A 17 -0.12 -20.34 13.59
CA THR A 17 -1.36 -20.92 14.10
C THR A 17 -1.22 -21.31 15.56
N ALA A 18 -0.03 -21.76 15.97
CA ALA A 18 0.15 -22.18 17.35
C ALA A 18 0.14 -21.00 18.32
N HIS A 19 0.24 -19.78 17.83
CA HIS A 19 0.18 -18.58 18.66
C HIS A 19 -1.03 -17.71 18.36
N GLN A 20 -2.07 -18.29 17.77
CA GLN A 20 -3.26 -17.53 17.45
C GLN A 20 -3.99 -17.11 18.71
N ASN A 21 -4.75 -16.02 18.58
CA ASN A 21 -5.46 -15.43 19.72
C ASN A 21 -6.87 -15.11 19.24
N PRO A 22 -7.83 -16.03 19.45
CA PRO A 22 -9.17 -15.77 18.90
C PRO A 22 -9.85 -14.59 19.53
N GLU A 23 -9.52 -14.26 20.78
CA GLU A 23 -10.10 -13.09 21.42
C GLU A 23 -9.70 -11.82 20.68
N LYS A 24 -8.43 -11.70 20.30
CA LYS A 24 -7.95 -10.54 19.57
C LYS A 24 -8.37 -10.59 18.11
N ALA A 25 -8.52 -11.79 17.55
CA ALA A 25 -8.88 -11.92 16.14
C ALA A 25 -10.22 -11.26 15.84
N GLU A 26 -11.15 -11.25 16.79
CA GLU A 26 -12.48 -10.72 16.50
C GLU A 26 -12.42 -9.22 16.27
N PRO A 27 -11.87 -8.41 17.20
CA PRO A 27 -11.74 -6.98 16.90
C PRO A 27 -10.82 -6.71 15.73
N MET A 28 -9.77 -7.51 15.52
CA MET A 28 -8.89 -7.23 14.39
C MET A 28 -9.63 -7.40 13.07
N ALA A 29 -10.47 -8.44 12.98
CA ALA A 29 -11.25 -8.63 11.75
C ALA A 29 -12.29 -7.52 11.57
N ARG A 30 -12.92 -7.07 12.66
CA ARG A 30 -13.91 -6.01 12.57
C ARG A 30 -13.27 -4.71 12.08
N TYR A 31 -12.00 -4.48 12.45
CA TYR A 31 -11.32 -3.24 12.06
C TYR A 31 -11.15 -3.18 10.55
N MET A 32 -10.99 -4.35 9.90
CA MET A 32 -10.92 -4.44 8.45
C MET A 32 -12.29 -4.75 7.85
N LYS A 33 -13.36 -4.41 8.56
CA LYS A 33 -14.74 -4.53 8.06
C LYS A 33 -15.08 -5.96 7.68
N ASN A 34 -14.46 -6.92 8.37
CA ASN A 34 -14.69 -8.34 8.23
C ASN A 34 -14.49 -8.83 6.80
N HIS A 35 -13.53 -8.21 6.09
CA HIS A 35 -13.18 -8.73 4.78
C HIS A 35 -12.27 -9.95 4.86
N PHE A 36 -11.65 -10.20 6.03
CA PHE A 36 -10.63 -11.21 6.20
C PHE A 36 -10.79 -11.91 7.54
N LEU A 37 -10.52 -13.21 7.53
CA LEU A 37 -10.21 -13.91 8.77
C LEU A 37 -8.88 -13.40 9.34
N PHE A 38 -8.78 -13.42 10.67
CA PHE A 38 -7.53 -13.11 11.36
C PHE A 38 -7.21 -14.24 12.34
N LEU A 39 -5.91 -14.51 12.50
CA LEU A 39 -5.46 -15.37 13.61
C LEU A 39 -5.47 -14.63 14.94
N GLY A 40 -5.31 -13.31 14.92
CA GLY A 40 -5.24 -12.51 16.14
C GLY A 40 -3.85 -12.18 16.62
N ILE A 41 -2.88 -12.08 15.74
CA ILE A 41 -1.48 -11.86 16.11
C ILE A 41 -1.11 -10.45 15.66
N GLN A 42 -0.70 -9.62 16.59
CA GLN A 42 -0.34 -8.26 16.23
C GLN A 42 1.10 -8.20 15.73
N THR A 43 1.47 -7.03 15.20
CA THR A 43 2.70 -6.93 14.43
C THR A 43 3.97 -7.28 15.21
N PRO A 44 4.18 -6.82 16.44
CA PRO A 44 5.43 -7.18 17.11
C PRO A 44 5.62 -8.70 17.20
N GLU A 45 4.58 -9.41 17.62
CA GLU A 45 4.72 -10.86 17.72
C GLU A 45 4.82 -11.50 16.34
N ARG A 46 4.04 -11.00 15.38
CA ARG A 46 4.07 -11.59 14.04
C ARG A 46 5.46 -11.51 13.44
N ARG A 47 6.15 -10.39 13.66
CA ARG A 47 7.50 -10.21 13.16
C ARG A 47 8.46 -11.17 13.83
N GLN A 48 8.29 -11.40 15.12
CA GLN A 48 9.20 -12.31 15.82
C GLN A 48 8.96 -13.74 15.39
N LEU A 49 7.69 -14.11 15.15
CA LEU A 49 7.41 -15.47 14.71
C LEU A 49 7.99 -15.71 13.33
N LEU A 50 7.94 -14.71 12.44
CA LEU A 50 8.61 -14.85 11.16
C LEU A 50 10.11 -14.98 11.35
N LYS A 51 10.67 -14.14 12.20
CA LYS A 51 12.10 -14.21 12.49
C LYS A 51 12.49 -15.59 13.00
N ASP A 52 11.65 -16.19 13.86
CA ASP A 52 11.93 -17.54 14.37
C ASP A 52 12.09 -18.52 13.22
N ILE A 53 11.22 -18.42 12.21
CA ILE A 53 11.22 -19.36 11.10
C ILE A 53 12.40 -19.11 10.18
N ILE A 54 12.79 -17.85 9.97
CA ILE A 54 13.99 -17.56 9.18
C ILE A 54 15.24 -18.11 9.87
N GLN A 55 15.31 -17.96 11.20
CA GLN A 55 16.46 -18.48 11.93
C GLN A 55 16.57 -20.00 11.81
N ILE A 56 15.43 -20.69 11.80
CA ILE A 56 15.47 -22.16 11.76
C ILE A 56 15.72 -22.65 10.35
N HIS A 57 14.99 -22.08 9.38
CA HIS A 57 14.94 -22.63 8.03
C HIS A 57 15.77 -21.86 7.02
N THR A 58 16.17 -20.64 7.34
CA THR A 58 16.82 -19.70 6.44
C THR A 58 15.81 -19.17 5.45
N LEU A 59 16.04 -17.95 4.99
CA LEU A 59 15.19 -17.37 3.95
C LEU A 59 15.31 -18.19 2.66
N PRO A 60 14.19 -18.55 2.03
CA PRO A 60 14.28 -19.32 0.77
C PRO A 60 15.14 -18.64 -0.28
N ASP A 61 15.66 -19.46 -1.18
CA ASP A 61 16.41 -18.96 -2.32
C ASP A 61 15.53 -17.99 -3.09
N GLN A 62 16.16 -16.94 -3.64
CA GLN A 62 15.37 -15.91 -4.33
C GLN A 62 14.56 -16.48 -5.50
N LYS A 63 14.98 -17.61 -6.07
CA LYS A 63 14.21 -18.24 -7.14
C LYS A 63 12.78 -18.55 -6.71
N ASP A 64 12.54 -18.64 -5.40
CA ASP A 64 11.23 -18.99 -4.85
C ASP A 64 10.52 -17.80 -4.24
N PHE A 65 11.05 -16.58 -4.43
CA PHE A 65 10.51 -15.42 -3.73
C PHE A 65 9.04 -15.19 -4.10
N GLN A 66 8.75 -15.09 -5.41
CA GLN A 66 7.38 -14.84 -5.82
C GLN A 66 6.45 -16.00 -5.45
N ILE A 67 6.97 -17.22 -5.49
CA ILE A 67 6.19 -18.40 -5.12
C ILE A 67 5.74 -18.30 -3.67
N ILE A 68 6.67 -17.97 -2.77
CA ILE A 68 6.36 -17.83 -1.34
C ILE A 68 5.30 -16.76 -1.12
N ILE A 69 5.48 -15.60 -1.76
CA ILE A 69 4.51 -14.52 -1.59
C ILE A 69 3.14 -14.96 -2.02
N ARG A 70 3.01 -15.56 -3.22
CA ARG A 70 1.71 -16.01 -3.72
CA ARG A 70 1.68 -15.93 -3.68
C ARG A 70 1.06 -16.99 -2.78
N GLU A 71 1.84 -17.95 -2.27
CA GLU A 71 1.27 -18.97 -1.39
C GLU A 71 0.76 -18.35 -0.09
N LEU A 72 1.50 -17.38 0.45
CA LEU A 72 1.02 -16.67 1.63
C LEU A 72 -0.18 -15.81 1.30
N TRP A 73 -0.17 -15.18 0.12
CA TRP A 73 -1.32 -14.39 -0.28
C TRP A 73 -2.59 -15.23 -0.33
N ASP A 74 -2.48 -16.51 -0.70
CA ASP A 74 -3.64 -17.36 -0.88
C ASP A 74 -4.15 -17.95 0.42
N LEU A 75 -3.40 -17.80 1.53
CA LEU A 75 -3.90 -18.33 2.79
C LEU A 75 -4.97 -17.39 3.36
N PRO A 76 -5.91 -17.94 4.14
CA PRO A 76 -7.10 -17.13 4.49
C PRO A 76 -6.83 -16.02 5.47
N GLU A 77 -5.97 -16.24 6.46
CA GLU A 77 -5.83 -15.27 7.53
C GLU A 77 -4.93 -14.11 7.11
N ARG A 78 -5.35 -12.91 7.52
CA ARG A 78 -4.72 -11.69 7.05
C ARG A 78 -3.25 -11.58 7.48
N GLU A 79 -2.87 -12.19 8.60
CA GLU A 79 -1.48 -12.15 9.01
C GLU A 79 -0.55 -12.77 7.98
N PHE A 80 -1.03 -13.68 7.14
CA PHE A 80 -0.12 -14.25 6.17
C PHE A 80 0.16 -13.28 5.03
N GLN A 81 -0.75 -12.37 4.72
CA GLN A 81 -0.41 -11.32 3.76
C GLN A 81 0.53 -10.30 4.39
N ALA A 82 0.34 -9.98 5.67
CA ALA A 82 1.26 -9.04 6.31
C ALA A 82 2.65 -9.64 6.36
N ALA A 83 2.75 -10.93 6.70
CA ALA A 83 4.06 -11.57 6.71
C ALA A 83 4.64 -11.62 5.31
N ALA A 84 3.80 -11.83 4.31
CA ALA A 84 4.28 -11.84 2.93
C ALA A 84 4.93 -10.51 2.57
N LEU A 85 4.34 -9.41 2.99
CA LEU A 85 4.95 -8.10 2.74
C LEU A 85 6.24 -7.91 3.53
N ASP A 86 6.30 -8.40 4.77
CA ASP A 86 7.57 -8.43 5.51
C ASP A 86 8.65 -9.21 4.75
N ILE A 87 8.29 -10.36 4.21
CA ILE A 87 9.22 -11.19 3.45
C ILE A 87 9.66 -10.48 2.17
N MET A 88 8.72 -9.85 1.49
CA MET A 88 9.09 -9.15 0.26
C MET A 88 10.13 -8.07 0.54
N GLN A 89 10.04 -7.39 1.69
CA GLN A 89 11.07 -6.40 2.03
C GLN A 89 12.46 -7.05 2.16
N LYS A 90 12.51 -8.30 2.61
CA LYS A 90 13.79 -8.98 2.72
C LYS A 90 14.41 -9.34 1.38
N TYR A 91 13.61 -9.29 0.29
CA TYR A 91 14.11 -9.50 -1.06
C TYR A 91 14.19 -8.21 -1.85
N LYS A 92 14.13 -7.08 -1.14
CA LYS A 92 14.04 -5.76 -1.76
C LYS A 92 15.10 -5.55 -2.84
N LYS A 93 16.35 -5.92 -2.56
CA LYS A 93 17.40 -5.65 -3.52
C LYS A 93 17.28 -6.48 -4.79
N HIS A 94 16.31 -7.39 -4.86
CA HIS A 94 16.11 -8.22 -6.04
C HIS A 94 14.88 -7.80 -6.84
N ILE A 95 14.18 -6.76 -6.42
CA ILE A 95 12.93 -6.33 -7.04
C ILE A 95 13.26 -5.17 -7.97
N ASN A 96 12.74 -5.24 -9.19
CA ASN A 96 13.09 -4.25 -10.21
C ASN A 96 11.86 -3.99 -11.06
N GLU A 97 12.05 -3.27 -12.17
CA GLU A 97 10.91 -2.84 -12.97
C GLU A 97 10.16 -4.03 -13.56
N THR A 98 10.83 -5.18 -13.75
CA THR A 98 10.15 -6.34 -14.29
C THR A 98 9.09 -6.90 -13.34
N HIS A 99 9.11 -6.50 -12.07
CA HIS A 99 8.14 -6.94 -11.08
C HIS A 99 6.90 -6.08 -11.02
N ILE A 100 6.72 -5.06 -11.87
CA ILE A 100 5.49 -4.27 -11.75
C ILE A 100 4.25 -5.13 -11.92
N PRO A 101 4.14 -5.99 -12.95
CA PRO A 101 2.91 -6.80 -13.05
C PRO A 101 2.66 -7.69 -11.85
N PHE A 102 3.72 -8.30 -11.30
CA PHE A 102 3.59 -9.08 -10.08
C PHE A 102 3.03 -8.25 -8.93
N LEU A 103 3.51 -7.01 -8.79
CA LEU A 103 3.00 -6.13 -7.75
C LEU A 103 1.56 -5.69 -8.01
N GLU A 104 1.22 -5.39 -9.28
CA GLU A 104 -0.18 -5.12 -9.64
C GLU A 104 -1.11 -6.23 -9.19
N GLU A 105 -0.69 -7.48 -9.40
CA GLU A 105 -1.56 -8.60 -9.08
C GLU A 105 -1.72 -8.72 -7.57
N LEU A 106 -0.70 -8.33 -6.83
CA LEU A 106 -0.88 -8.32 -5.37
C LEU A 106 -1.85 -7.22 -4.96
N ILE A 107 -1.80 -6.06 -5.63
CA ILE A 107 -2.68 -4.97 -5.27
C ILE A 107 -4.14 -5.39 -5.43
N VAL A 108 -4.46 -6.11 -6.52
CA VAL A 108 -5.86 -6.40 -6.83
C VAL A 108 -6.37 -7.75 -6.31
N THR A 109 -5.58 -8.44 -5.48
CA THR A 109 -6.02 -9.68 -4.87
C THR A 109 -5.93 -9.50 -3.36
N LYS A 110 -6.94 -10.00 -2.65
CA LYS A 110 -7.03 -9.79 -1.21
C LYS A 110 -6.89 -8.31 -0.86
N SER A 111 -7.57 -7.45 -1.61
CA SER A 111 -7.30 -6.01 -1.57
C SER A 111 -7.97 -5.33 -0.38
N TRP A 112 -7.20 -4.47 0.27
CA TRP A 112 -7.73 -3.53 1.26
C TRP A 112 -6.60 -2.53 1.51
N TRP A 113 -6.88 -1.50 2.32
CA TRP A 113 -5.91 -0.42 2.45
C TRP A 113 -4.63 -0.90 3.13
N ASP A 114 -4.73 -1.89 4.02
CA ASP A 114 -3.55 -2.32 4.74
C ASP A 114 -2.51 -2.93 3.80
N SER A 115 -2.95 -3.77 2.85
CA SER A 115 -1.99 -4.39 1.94
C SER A 115 -1.57 -3.40 0.85
N VAL A 116 -2.54 -2.69 0.28
CA VAL A 116 -2.24 -1.80 -0.85
C VAL A 116 -1.28 -0.70 -0.43
N ASP A 117 -1.50 -0.12 0.75
CA ASP A 117 -0.63 0.96 1.22
C ASP A 117 0.77 0.46 1.54
N SER A 118 0.92 -0.83 1.85
CA SER A 118 2.24 -1.39 2.08
C SER A 118 2.97 -1.77 0.80
N ILE A 119 2.28 -1.79 -0.34
CA ILE A 119 2.88 -2.13 -1.62
C ILE A 119 3.24 -0.89 -2.40
N VAL A 120 2.40 0.14 -2.35
CA VAL A 120 2.43 1.20 -3.36
C VAL A 120 3.52 2.25 -3.11
N PRO A 121 3.51 3.01 -2.01
CA PRO A 121 4.50 4.08 -1.86
C PRO A 121 5.90 3.59 -1.66
N THR A 122 6.08 2.33 -1.26
CA THR A 122 7.41 1.75 -1.02
C THR A 122 7.90 1.03 -2.28
N PHE A 123 7.33 -0.14 -2.58
CA PHE A 123 7.88 -0.97 -3.65
C PHE A 123 7.68 -0.32 -5.00
N LEU A 124 6.44 0.06 -5.33
CA LEU A 124 6.19 0.71 -6.61
C LEU A 124 6.79 2.11 -6.66
N GLY A 125 6.72 2.85 -5.55
CA GLY A 125 7.34 4.15 -5.48
C GLY A 125 8.82 4.08 -5.81
N ASP A 126 9.53 3.08 -5.29
CA ASP A 126 10.96 3.02 -5.56
C ASP A 126 11.22 2.69 -7.03
N ILE A 127 10.43 1.77 -7.59
CA ILE A 127 10.59 1.39 -8.99
C ILE A 127 10.37 2.58 -9.90
N PHE A 128 9.29 3.33 -9.68
CA PHE A 128 9.04 4.45 -10.59
C PHE A 128 9.97 5.66 -10.36
N LEU A 129 10.64 5.74 -9.19
CA LEU A 129 11.64 6.77 -9.02
C LEU A 129 12.85 6.46 -9.88
N LYS A 130 13.20 5.18 -9.98
CA LYS A 130 14.34 4.76 -10.79
C LYS A 130 14.00 4.72 -12.27
N HIS A 131 12.73 4.46 -12.60
CA HIS A 131 12.29 4.27 -13.99
C HIS A 131 11.06 5.11 -14.25
N PRO A 132 11.19 6.43 -14.19
CA PRO A 132 10.01 7.28 -14.36
C PRO A 132 9.43 7.20 -15.76
N GLU A 133 10.20 6.74 -16.73
CA GLU A 133 9.71 6.56 -18.10
C GLU A 133 8.69 5.44 -18.19
N LEU A 134 8.57 4.59 -17.16
CA LEU A 134 7.59 3.52 -17.16
C LEU A 134 6.26 3.93 -16.55
N ILE A 135 6.18 5.11 -15.96
CA ILE A 135 4.93 5.55 -15.33
C ILE A 135 3.78 5.52 -16.34
N SER A 136 4.03 6.05 -17.54
CA SER A 136 2.93 6.13 -18.49
C SER A 136 2.57 4.78 -19.10
N ALA A 137 3.32 3.71 -18.80
CA ALA A 137 2.88 2.39 -19.21
C ALA A 137 1.87 1.77 -18.25
N TYR A 138 1.61 2.40 -17.10
CA TYR A 138 0.77 1.81 -16.08
C TYR A 138 -0.29 2.77 -15.55
N ILE A 139 0.12 4.00 -15.23
CA ILE A 139 -0.79 4.93 -14.54
C ILE A 139 -2.05 5.19 -15.33
N PRO A 140 -2.01 5.41 -16.65
CA PRO A 140 -3.28 5.67 -17.33
C PRO A 140 -4.23 4.49 -17.23
N LYS A 141 -3.73 3.26 -17.32
CA LYS A 141 -4.58 2.09 -17.19
C LYS A 141 -5.16 1.99 -15.79
N TRP A 142 -4.35 2.32 -14.78
CA TRP A 142 -4.81 2.20 -13.39
C TRP A 142 -5.95 3.18 -13.13
N ILE A 143 -5.83 4.40 -13.66
CA ILE A 143 -6.85 5.41 -13.43
C ILE A 143 -8.14 5.01 -14.10
N ALA A 144 -8.05 4.37 -15.25
CA ALA A 144 -9.22 4.06 -16.05
C ALA A 144 -9.90 2.79 -15.60
N SER A 145 -9.24 2.00 -14.78
CA SER A 145 -9.74 0.70 -14.40
C SER A 145 -10.94 0.83 -13.46
N ASP A 146 -11.66 -0.28 -13.34
CA ASP A 146 -12.77 -0.32 -12.39
C ASP A 146 -12.29 -0.52 -10.96
N ASN A 147 -11.00 -0.72 -10.74
CA ASN A 147 -10.48 -1.18 -9.46
C ASN A 147 -9.99 0.03 -8.66
N ILE A 148 -10.67 0.32 -7.55
CA ILE A 148 -10.32 1.50 -6.77
C ILE A 148 -8.92 1.39 -6.19
N TRP A 149 -8.40 0.17 -6.00
CA TRP A 149 -7.06 0.05 -5.43
C TRP A 149 -5.97 0.35 -6.43
N LEU A 150 -6.19 0.10 -7.72
CA LEU A 150 -5.24 0.61 -8.71
C LEU A 150 -5.34 2.11 -8.84
N GLN A 151 -6.54 2.67 -8.71
CA GLN A 151 -6.67 4.13 -8.71
C GLN A 151 -5.93 4.74 -7.53
N ARG A 152 -6.08 4.14 -6.35
CA ARG A 152 -5.33 4.57 -5.17
C ARG A 152 -3.83 4.41 -5.39
N ALA A 153 -3.40 3.34 -6.07
CA ALA A 153 -1.98 3.19 -6.35
C ALA A 153 -1.46 4.34 -7.21
N ALA A 154 -2.27 4.79 -8.18
CA ALA A 154 -1.85 5.88 -9.04
C ALA A 154 -1.67 7.17 -8.24
N ILE A 155 -2.51 7.37 -7.24
CA ILE A 155 -2.41 8.55 -6.39
C ILE A 155 -1.18 8.46 -5.47
N LEU A 156 -0.98 7.31 -4.83
CA LEU A 156 -0.06 7.25 -3.71
C LEU A 156 1.35 6.80 -4.06
N PHE A 157 1.65 6.40 -5.31
CA PHE A 157 3.00 5.87 -5.53
C PHE A 157 4.06 6.94 -5.33
N GLN A 158 3.70 8.22 -5.49
CA GLN A 158 4.62 9.34 -5.28
C GLN A 158 4.61 9.87 -3.86
N LEU A 159 3.90 9.20 -2.94
CA LEU A 159 3.69 9.73 -1.60
C LEU A 159 4.96 10.26 -0.98
N LYS A 160 6.06 9.50 -1.06
CA LYS A 160 7.28 9.79 -0.31
C LYS A 160 8.33 10.52 -1.14
N TYR A 161 7.95 11.00 -2.32
CA TYR A 161 8.96 11.52 -3.23
C TYR A 161 9.56 12.85 -2.78
N LYS A 162 8.84 13.63 -1.98
CA LYS A 162 9.31 14.92 -1.50
C LYS A 162 9.78 15.77 -2.67
N GLN A 163 11.06 16.16 -2.71
CA GLN A 163 11.48 17.10 -3.73
C GLN A 163 11.50 16.47 -5.13
N LYS A 164 11.41 15.15 -5.22
CA LYS A 164 11.35 14.44 -6.49
C LYS A 164 9.93 14.29 -7.01
N MET A 165 8.96 14.89 -6.34
CA MET A 165 7.58 14.83 -6.78
C MET A 165 7.47 15.40 -8.19
N ASP A 166 6.72 14.70 -9.04
CA ASP A 166 6.37 15.26 -10.35
C ASP A 166 5.05 15.98 -10.15
N GLU A 167 5.12 17.31 -9.97
CA GLU A 167 3.91 18.03 -9.60
C GLU A 167 2.88 18.00 -10.72
N GLU A 168 3.31 18.24 -11.96
CA GLU A 168 2.33 18.20 -13.05
C GLU A 168 1.62 16.86 -13.10
N LEU A 169 2.38 15.77 -12.96
CA LEU A 169 1.76 14.44 -12.96
C LEU A 169 0.81 14.26 -11.78
N LEU A 170 1.26 14.61 -10.57
CA LEU A 170 0.43 14.49 -9.38
C LEU A 170 -0.90 15.18 -9.57
N PHE A 171 -0.88 16.44 -10.02
CA PHE A 171 -2.13 17.16 -10.14
C PHE A 171 -2.96 16.65 -11.30
N TRP A 172 -2.33 16.13 -12.34
CA TRP A 172 -3.11 15.52 -13.42
C TRP A 172 -3.84 14.29 -12.91
N ILE A 173 -3.15 13.45 -12.14
CA ILE A 173 -3.77 12.26 -11.57
C ILE A 173 -4.95 12.65 -10.67
N ILE A 174 -4.74 13.62 -9.77
CA ILE A 174 -5.82 14.03 -8.89
C ILE A 174 -6.99 14.58 -9.70
N GLY A 175 -6.70 15.39 -10.72
CA GLY A 175 -7.79 15.88 -11.55
C GLY A 175 -8.61 14.76 -12.17
N GLN A 176 -7.96 13.67 -12.55
CA GLN A 176 -8.71 12.56 -13.15
C GLN A 176 -9.65 11.90 -12.15
N LEU A 177 -9.31 11.96 -10.86
CA LEU A 177 -10.02 11.20 -9.86
C LEU A 177 -10.76 12.07 -8.84
N HIS A 178 -10.79 13.39 -9.03
CA HIS A 178 -11.37 14.28 -8.01
C HIS A 178 -12.88 14.12 -7.88
N SER A 179 -13.56 13.58 -8.90
CA SER A 179 -15.00 13.44 -8.83
C SER A 179 -15.42 12.10 -8.21
N SER A 180 -14.47 11.24 -7.90
CA SER A 180 -14.80 9.93 -7.35
C SER A 180 -15.52 10.08 -6.02
N LYS A 181 -16.57 9.29 -5.85
CA LYS A 181 -17.35 9.24 -4.62
C LYS A 181 -16.80 8.19 -3.67
N GLU A 182 -15.73 7.51 -4.04
CA GLU A 182 -15.16 6.44 -3.22
CA GLU A 182 -15.16 6.44 -3.21
C GLU A 182 -14.33 7.05 -2.09
N PHE A 183 -14.66 6.68 -0.86
CA PHE A 183 -13.88 7.17 0.28
C PHE A 183 -12.39 6.94 0.10
N PHE A 184 -12.00 5.74 -0.34
CA PHE A 184 -10.56 5.45 -0.37
C PHE A 184 -9.81 6.24 -1.43
N ILE A 185 -10.51 6.76 -2.44
CA ILE A 185 -9.90 7.67 -3.39
C ILE A 185 -9.85 9.08 -2.83
N GLN A 186 -10.97 9.58 -2.30
CA GLN A 186 -10.98 10.92 -1.70
C GLN A 186 -9.93 11.05 -0.62
N LYS A 187 -9.78 10.03 0.20
CA LYS A 187 -8.83 10.10 1.31
C LYS A 187 -7.39 10.01 0.81
N ALA A 188 -7.14 9.20 -0.22
CA ALA A 188 -5.80 9.09 -0.76
C ALA A 188 -5.36 10.42 -1.36
N ILE A 189 -6.29 11.12 -2.01
CA ILE A 189 -6.00 12.44 -2.54
C ILE A 189 -5.64 13.39 -1.41
N GLY A 190 -6.41 13.36 -0.31
CA GLY A 190 -6.10 14.22 0.81
C GLY A 190 -4.74 13.92 1.42
N TRP A 191 -4.44 12.63 1.57
CA TRP A 191 -3.16 12.20 2.12
C TRP A 191 -1.98 12.66 1.28
N VAL A 192 -2.02 12.41 -0.03
CA VAL A 192 -0.84 12.71 -0.82
C VAL A 192 -0.62 14.22 -0.85
N LEU A 193 -1.70 15.00 -0.85
CA LEU A 193 -1.58 16.45 -0.83
C LEU A 193 -1.09 16.94 0.53
N ARG A 194 -1.61 16.35 1.61
CA ARG A 194 -1.13 16.71 2.94
C ARG A 194 0.35 16.41 3.07
N GLU A 195 0.79 15.28 2.53
CA GLU A 195 2.18 14.89 2.68
C GLU A 195 3.06 15.77 1.82
N TYR A 196 2.62 16.03 0.58
CA TYR A 196 3.45 16.86 -0.29
C TYR A 196 3.52 18.28 0.23
N ALA A 197 2.49 18.75 0.93
CA ALA A 197 2.51 20.09 1.53
C ALA A 197 3.63 20.24 2.55
N LYS A 198 4.15 19.13 3.08
CA LYS A 198 5.31 19.19 3.98
C LYS A 198 6.55 19.64 3.23
N THR A 199 6.59 19.43 1.91
CA THR A 199 7.70 19.84 1.06
C THR A 199 7.43 21.17 0.35
N ASN A 200 6.22 21.36 -0.16
CA ASN A 200 5.87 22.55 -0.93
C ASN A 200 4.47 23.00 -0.55
N PRO A 201 4.33 23.67 0.61
CA PRO A 201 2.98 24.06 1.05
C PRO A 201 2.30 25.05 0.12
N ASP A 202 3.07 25.98 -0.47
CA ASP A 202 2.46 27.01 -1.30
C ASP A 202 1.76 26.39 -2.52
N VAL A 203 2.38 25.39 -3.14
CA VAL A 203 1.79 24.77 -4.32
C VAL A 203 0.52 24.02 -3.95
N VAL A 204 0.53 23.34 -2.80
CA VAL A 204 -0.66 22.59 -2.39
C VAL A 204 -1.78 23.54 -2.02
N TRP A 205 -1.45 24.63 -1.31
CA TRP A 205 -2.48 25.60 -0.95
C TRP A 205 -3.12 26.20 -2.19
N GLU A 206 -2.29 26.61 -3.15
CA GLU A 206 -2.86 27.17 -4.37
C GLU A 206 -3.74 26.14 -5.07
N TYR A 207 -3.32 24.87 -5.07
CA TYR A 207 -4.07 23.88 -5.83
C TYR A 207 -5.44 23.68 -5.21
N VAL A 208 -5.50 23.56 -3.88
CA VAL A 208 -6.76 23.23 -3.22
C VAL A 208 -7.68 24.43 -3.21
N GLN A 209 -7.13 25.65 -3.25
CA GLN A 209 -8.01 26.81 -3.28
C GLN A 209 -8.57 27.09 -4.67
N ASN A 210 -7.98 26.50 -5.74
CA ASN A 210 -8.35 26.88 -7.11
C ASN A 210 -8.75 25.70 -7.98
N ASN A 211 -8.89 24.50 -7.43
CA ASN A 211 -9.34 23.33 -8.15
C ASN A 211 -10.36 22.55 -7.32
N GLU A 212 -11.31 21.92 -8.02
CA GLU A 212 -12.38 21.19 -7.35
C GLU A 212 -11.85 19.93 -6.69
N LEU A 213 -12.28 19.70 -5.45
CA LEU A 213 -11.92 18.51 -4.71
C LEU A 213 -13.11 18.12 -3.82
N ALA A 214 -13.23 16.83 -3.53
CA ALA A 214 -14.22 16.41 -2.55
C ALA A 214 -13.94 17.10 -1.22
N PRO A 215 -14.97 17.48 -0.46
CA PRO A 215 -14.72 18.16 0.82
C PRO A 215 -13.74 17.41 1.70
N LEU A 216 -13.84 16.08 1.74
CA LEU A 216 -12.93 15.29 2.57
C LEU A 216 -11.49 15.44 2.10
N SER A 217 -11.29 15.42 0.78
CA SER A 217 -9.95 15.57 0.24
C SER A 217 -9.36 16.91 0.62
N LYS A 218 -10.13 17.98 0.45
CA LYS A 218 -9.59 19.31 0.74
C LYS A 218 -9.24 19.45 2.21
N ARG A 219 -10.14 19.00 3.09
CA ARG A 219 -9.94 19.17 4.51
C ARG A 219 -8.70 18.38 4.96
N GLU A 220 -8.55 17.15 4.47
CA GLU A 220 -7.38 16.37 4.85
C GLU A 220 -6.10 17.00 4.29
N ALA A 221 -6.16 17.58 3.08
CA ALA A 221 -4.98 18.16 2.48
C ALA A 221 -4.42 19.31 3.31
N ILE A 222 -5.29 20.15 3.88
CA ILE A 222 -4.84 21.37 4.53
C ILE A 222 -4.90 21.28 6.03
N LYS A 223 -5.12 20.08 6.59
CA LYS A 223 -5.23 19.91 8.04
C LYS A 223 -4.10 20.60 8.79
N HIS A 224 -2.89 20.54 8.27
CA HIS A 224 -1.75 21.18 8.92
C HIS A 224 -1.46 22.57 8.37
N ILE A 225 -1.43 22.72 7.04
CA ILE A 225 -0.93 23.99 6.50
C ILE A 225 -1.94 25.11 6.61
N LYS A 226 -3.22 24.83 6.90
CA LYS A 226 -4.15 25.93 7.12
C LYS A 226 -3.72 26.84 8.27
N GLN A 227 -2.86 26.34 9.18
CA GLN A 227 -2.34 27.18 10.25
C GLN A 227 -1.40 28.25 9.71
N ASN A 228 -0.75 27.97 8.59
CA ASN A 228 0.23 28.90 8.04
C ASN A 228 -0.42 30.03 7.26
N TYR A 229 -1.62 29.80 6.74
CA TYR A 229 -2.28 30.73 5.85
C TYR A 229 -3.48 31.40 6.49
N GLY A 230 -4.10 30.75 7.46
CA GLY A 230 -5.26 31.32 8.11
C GLY A 230 -6.55 30.87 7.46
N ILE A 231 -7.63 31.02 8.22
CA ILE A 231 -8.97 30.58 7.82
C ILE A 231 -9.82 31.84 7.69
N ASN A 232 -9.99 32.31 6.46
CA ASN A 232 -10.71 33.54 6.23
C ASN A 232 -12.14 33.43 6.74
N ASN A 233 -12.65 34.54 7.25
CA ASN A 233 -14.05 34.60 7.69
C ASN A 233 -14.99 34.24 6.54
P NRI B 6 -3.75 9.47 7.02
O1P NRI B 6 -4.22 10.28 5.74
O2P NRI B 6 -4.28 9.99 8.31
O5' NRI B 6 -3.97 7.91 6.83
C2' NRI B 6 -4.79 3.89 6.65
C5' NRI B 6 -3.63 7.28 5.60
C4' NRI B 6 -3.66 5.78 5.77
C3' NRI B 6 -5.08 5.29 6.12
C6' NRI B 6 -2.84 5.25 6.97
N1' NRI B 6 -3.45 3.93 7.28
O3' NRI B 6 -5.83 5.27 4.91
H2' NRI B 6 -5.47 3.64 7.32
H2'' NRI B 6 -4.80 3.24 5.91
H5' NRI B 6 -4.27 7.56 4.90
H5'' NRI B 6 -2.72 7.57 5.32
H4' NRI B 6 -3.36 5.34 4.95
H3' NRI B 6 -5.51 5.86 6.80
H6' NRI B 6 -1.90 5.14 6.73
H6'' NRI B 6 -2.94 5.86 7.74
HN1' NRI B 6 -3.55 3.85 8.19
H1'2 NRI B 6 -2.92 3.25 6.96
C1 MY6 D . -4.52 9.10 11.70
N2 MY6 D . -4.34 5.76 10.28
C3 MY6 D . -4.36 7.06 10.26
N4 MY6 D . -4.48 7.67 11.45
C5 MY6 D . -4.55 6.64 12.35
C6 MY6 D . -4.69 6.60 13.77
O7 MY6 D . -4.79 7.53 14.56
N8 MY6 D . -4.72 5.25 14.17
C9 MY6 D . -4.62 4.16 13.32
N10 MY6 D . -4.66 2.92 13.91
N11 MY6 D . -4.49 4.20 12.05
C12 MY6 D . -4.45 5.47 11.59
H1 MY6 D . -5.43 9.35 12.24
H1A MY6 D . -3.65 9.40 12.30
H1B MY6 D . -4.51 9.62 10.74
H3 MY6 D . -4.27 7.65 9.35
HN8 MY6 D . -4.81 5.11 15.16
HN10 MY6 D . -4.76 2.79 14.91
HN1A MY6 D . -4.59 2.11 13.32
#